data_4PF6
#
_entry.id   4PF6
#
_cell.length_a   100.527
_cell.length_b   100.527
_cell.length_c   159.213
_cell.angle_alpha   90.00
_cell.angle_beta   90.00
_cell.angle_gamma   120.00
#
_symmetry.space_group_name_H-M   'P 61 2 2'
#
loop_
_entity.id
_entity.type
_entity.pdbx_description
1 polymer 'C4-dicarboxylate-binding protein'
2 non-polymer '3-deoxy-alpha-D-manno-oct-2-ulopyranosonic acid'
3 non-polymer 'TRIETHYLENE GLYCOL'
4 non-polymer 'SULFATE ION'
5 water water
#
_entity_poly.entity_id   1
_entity_poly.type   'polypeptide(L)'
_entity_poly.pdbx_seq_one_letter_code
;(MSE)HHHHHHSSGVDLGTENLYFQS(MSE)QDKITLR(MSE)STPASETDQRSVALAEVFAPAVAGFATYQPHYNASLI
AQNSELEAIASGDLE(MSE)SIASAQELAQFFPEFSIFATGYVHQSAEHQVAVFNDPL(MSE)DPFKKTVEDELGIKLLS
V(MSE)YLGQRHVNLRQTKEELTVTTPADLAGVNLR(MSE)PGTDAWQFLGKALGANPTP(MSE)AFTEIYTALQTGSVD
GQDNPLPTVVDAKFYEVTNQVALTGHLVDLNYIAFSKAVWDGLSPEQQEIVQTAADAAAQSGREKQLAKEQELVSFLEEQ
G(MSE)EIYAPDLDAFRTHVQEQYVGSEFAASWPEGVLDKINALGN
;
_entity_poly.pdbx_strand_id   A
#
loop_
_chem_comp.id
_chem_comp.type
_chem_comp.name
_chem_comp.formula
KDO D-saccharide, alpha linking '3-deoxy-alpha-D-manno-oct-2-ulopyranosonic acid' 'C8 H14 O8'
PGE non-polymer 'TRIETHYLENE GLYCOL' 'C6 H14 O4'
SO4 non-polymer 'SULFATE ION' 'O4 S -2'
#
# COMPACT_ATOMS: atom_id res chain seq x y z
N ASP A 25 -19.57 -28.54 5.11
CA ASP A 25 -18.67 -28.01 4.09
C ASP A 25 -18.14 -26.65 4.52
N LYS A 26 -16.83 -26.51 4.46
CA LYS A 26 -16.22 -25.25 4.79
C LYS A 26 -16.30 -24.35 3.58
N ILE A 27 -16.34 -23.06 3.84
CA ILE A 27 -16.34 -22.05 2.79
C ILE A 27 -14.90 -21.83 2.36
N THR A 28 -14.65 -21.82 1.05
CA THR A 28 -13.30 -21.50 0.58
C THR A 28 -13.14 -19.99 0.48
N LEU A 29 -12.00 -19.50 0.97
CA LEU A 29 -11.68 -18.08 0.90
C LEU A 29 -10.47 -17.87 0.01
N ARG A 30 -10.73 -17.59 -1.27
CA ARG A 30 -9.64 -17.30 -2.20
C ARG A 30 -9.16 -15.88 -2.02
N MSE A 31 -7.84 -15.71 -1.87
CA MSE A 31 -7.19 -14.41 -1.69
C MSE A 31 -6.16 -14.28 -2.80
O MSE A 31 -5.40 -15.21 -3.05
CB MSE A 31 -6.48 -14.35 -0.33
CG MSE A 31 -5.99 -13.01 0.14
SE MSE A 31 -4.38 -12.36 -0.77
CE MSE A 31 -3.08 -13.58 -0.06
H MSE A 31 -7.29 -16.36 -1.86
HA MSE A 31 -7.84 -13.68 -1.75
HB2 MSE A 31 -7.10 -14.68 0.35
HB3 MSE A 31 -5.71 -14.94 -0.37
HG2 MSE A 31 -6.69 -12.36 0.01
HG3 MSE A 31 -5.77 -13.08 1.09
HE1 MSE A 31 -2.22 -13.36 -0.44
HE2 MSE A 31 -3.05 -13.47 0.89
HE3 MSE A 31 -3.33 -14.47 -0.29
N SER A 32 -6.16 -13.13 -3.49
CA SER A 32 -5.15 -12.88 -4.52
C SER A 32 -4.43 -11.58 -4.23
N THR A 33 -3.10 -11.62 -4.37
CA THR A 33 -2.28 -10.44 -4.18
C THR A 33 -1.06 -10.52 -5.08
N PRO A 34 -0.53 -9.35 -5.51
CA PRO A 34 0.77 -9.33 -6.17
C PRO A 34 1.93 -9.59 -5.20
N ALA A 35 1.69 -9.47 -3.91
CA ALA A 35 2.73 -9.71 -2.91
C ALA A 35 3.22 -11.13 -2.99
N SER A 36 4.45 -11.30 -2.51
CA SER A 36 5.08 -12.58 -2.43
C SER A 36 4.56 -13.38 -1.25
N GLU A 37 4.94 -14.65 -1.25
CA GLU A 37 4.63 -15.56 -0.16
C GLU A 37 5.27 -15.13 1.16
N THR A 38 6.41 -14.45 1.07
CA THR A 38 7.22 -14.12 2.23
C THR A 38 7.02 -12.71 2.80
N ASP A 39 6.24 -11.91 2.11
CA ASP A 39 5.86 -10.58 2.58
C ASP A 39 5.16 -10.70 3.95
N GLN A 40 5.45 -9.78 4.87
CA GLN A 40 4.89 -9.87 6.23
C GLN A 40 3.37 -9.85 6.24
N ARG A 41 2.75 -9.17 5.27
CA ARG A 41 1.29 -9.17 5.19
C ARG A 41 0.77 -10.56 4.82
N SER A 42 1.40 -11.18 3.83
CA SER A 42 1.05 -12.52 3.40
C SER A 42 1.24 -13.51 4.56
N VAL A 43 2.38 -13.41 5.23
CA VAL A 43 2.69 -14.30 6.36
C VAL A 43 1.64 -14.17 7.47
N ALA A 44 1.27 -12.92 7.79
CA ALA A 44 0.28 -12.69 8.84
C ALA A 44 -1.07 -13.35 8.47
N LEU A 45 -1.51 -13.21 7.24
CA LEU A 45 -2.78 -13.81 6.85
C LEU A 45 -2.69 -15.34 6.91
N ALA A 46 -1.56 -15.89 6.48
CA ALA A 46 -1.41 -17.33 6.42
C ALA A 46 -1.24 -17.96 7.80
N GLU A 47 -0.57 -17.26 8.69
CA GLU A 47 -0.19 -17.83 9.97
C GLU A 47 -1.08 -17.40 11.12
N VAL A 48 -1.81 -16.31 10.95
CA VAL A 48 -2.67 -15.81 12.00
C VAL A 48 -4.14 -15.85 11.61
N PHE A 49 -4.47 -15.33 10.44
CA PHE A 49 -5.87 -15.32 9.99
C PHE A 49 -6.37 -16.73 9.65
N ALA A 50 -5.63 -17.44 8.81
CA ALA A 50 -6.08 -18.75 8.32
C ALA A 50 -6.40 -19.77 9.43
N PRO A 51 -5.51 -19.96 10.40
CA PRO A 51 -5.83 -20.97 11.41
C PRO A 51 -7.04 -20.60 12.28
N ALA A 52 -7.26 -19.31 12.50
CA ALA A 52 -8.37 -18.84 13.33
C ALA A 52 -9.73 -19.19 12.74
N VAL A 53 -9.84 -19.16 11.41
CA VAL A 53 -11.12 -19.41 10.75
C VAL A 53 -11.25 -20.84 10.23
N ALA A 54 -10.24 -21.67 10.45
CA ALA A 54 -10.12 -22.96 9.79
C ALA A 54 -11.27 -23.92 10.10
N GLY A 55 -11.99 -23.66 11.19
CA GLY A 55 -13.11 -24.50 11.59
C GLY A 55 -14.28 -24.45 10.64
N PHE A 56 -14.41 -23.33 9.93
CA PHE A 56 -15.54 -23.14 9.06
C PHE A 56 -15.17 -22.60 7.68
N ALA A 57 -13.90 -22.22 7.50
CA ALA A 57 -13.48 -21.62 6.24
C ALA A 57 -12.06 -22.04 5.93
N THR A 58 -11.79 -22.28 4.65
CA THR A 58 -10.46 -22.68 4.21
C THR A 58 -9.81 -21.56 3.40
N TYR A 59 -8.73 -21.04 3.92
CA TYR A 59 -7.99 -19.96 3.26
C TYR A 59 -7.20 -20.51 2.08
N GLN A 60 -7.29 -19.85 0.93
CA GLN A 60 -6.62 -20.31 -0.28
C GLN A 60 -5.95 -19.12 -0.98
N PRO A 61 -4.70 -18.82 -0.60
CA PRO A 61 -4.00 -17.64 -1.09
C PRO A 61 -3.30 -17.89 -2.42
N HIS A 62 -3.18 -16.83 -3.20
CA HIS A 62 -2.50 -16.85 -4.49
C HIS A 62 -1.60 -15.64 -4.53
N TYR A 63 -0.31 -15.89 -4.69
CA TYR A 63 0.68 -14.82 -4.62
C TYR A 63 1.21 -14.42 -5.99
N ASN A 64 1.95 -13.30 -6.02
CA ASN A 64 2.61 -12.85 -7.23
C ASN A 64 1.67 -12.56 -8.39
N ALA A 65 0.43 -12.21 -8.06
CA ALA A 65 -0.59 -11.88 -9.04
C ALA A 65 -0.76 -12.97 -10.07
N SER A 66 -0.57 -14.20 -9.65
CA SER A 66 -0.79 -15.34 -10.53
C SER A 66 -2.27 -15.55 -10.87
N LEU A 67 -3.17 -15.24 -9.95
CA LEU A 67 -4.58 -15.51 -10.18
C LEU A 67 -5.29 -14.30 -10.76
N ILE A 68 -5.17 -13.16 -10.08
CA ILE A 68 -5.82 -11.93 -10.51
C ILE A 68 -4.76 -10.83 -10.68
N ALA A 69 -4.92 -10.01 -11.71
CA ALA A 69 -3.99 -8.89 -11.93
C ALA A 69 -4.09 -7.85 -10.83
N GLN A 70 -2.97 -7.21 -10.51
CA GLN A 70 -2.99 -6.07 -9.59
C GLN A 70 -3.99 -5.02 -10.08
N ASN A 71 -4.80 -4.54 -9.15
CA ASN A 71 -5.87 -3.57 -9.40
C ASN A 71 -7.17 -4.14 -9.95
N SER A 72 -7.23 -5.46 -10.13
CA SER A 72 -8.47 -6.10 -10.57
C SER A 72 -9.10 -6.95 -9.48
N GLU A 73 -8.49 -6.98 -8.30
CA GLU A 73 -8.96 -7.87 -7.24
C GLU A 73 -10.31 -7.45 -6.67
N LEU A 74 -10.53 -6.15 -6.50
CA LEU A 74 -11.82 -5.68 -5.97
C LEU A 74 -12.95 -6.11 -6.90
N GLU A 75 -12.75 -5.93 -8.20
CA GLU A 75 -13.76 -6.30 -9.18
C GLU A 75 -14.04 -7.80 -9.11
N ALA A 76 -12.99 -8.57 -8.85
CA ALA A 76 -13.08 -10.03 -8.79
C ALA A 76 -13.86 -10.47 -7.56
N ILE A 77 -13.72 -9.74 -6.45
CA ILE A 77 -14.53 -10.06 -5.28
C ILE A 77 -16.00 -9.75 -5.56
N ALA A 78 -16.24 -8.57 -6.13
CA ALA A 78 -17.59 -8.15 -6.47
C ALA A 78 -18.27 -9.12 -7.45
N SER A 79 -17.49 -9.70 -8.35
N SER A 79 -17.50 -9.71 -8.35
CA SER A 79 -18.01 -10.64 -9.35
CA SER A 79 -18.05 -10.63 -9.34
C SER A 79 -18.21 -12.07 -8.82
C SER A 79 -18.04 -12.11 -8.90
N GLY A 80 -17.65 -12.36 -7.65
CA GLY A 80 -17.75 -13.70 -7.07
C GLY A 80 -16.62 -14.63 -7.46
N ASP A 81 -15.54 -14.07 -8.00
CA ASP A 81 -14.39 -14.85 -8.43
C ASP A 81 -13.26 -14.83 -7.43
N LEU A 82 -13.47 -14.14 -6.32
CA LEU A 82 -12.48 -14.00 -5.28
C LEU A 82 -13.21 -13.65 -3.98
N GLU A 83 -12.66 -14.02 -2.84
CA GLU A 83 -13.28 -13.70 -1.56
C GLU A 83 -12.55 -12.64 -0.74
N MSE A 84 -11.24 -12.54 -0.92
CA MSE A 84 -10.40 -11.65 -0.12
C MSE A 84 -9.29 -11.05 -0.93
O MSE A 84 -8.83 -11.66 -1.90
CB MSE A 84 -9.75 -12.43 1.03
CG MSE A 84 -10.68 -12.87 2.08
SE MSE A 84 -9.75 -13.91 3.44
CE MSE A 84 -8.84 -12.46 4.31
H MSE A 84 -10.80 -12.99 -1.51
HA MSE A 84 -10.96 -10.94 0.27
HB2 MSE A 84 -9.33 -13.22 0.67
HB3 MSE A 84 -9.08 -11.88 1.46
HG2 MSE A 84 -11.07 -12.09 2.50
HG3 MSE A 84 -11.36 -13.43 1.68
HE1 MSE A 84 -8.31 -12.80 5.04
HE2 MSE A 84 -8.26 -12.02 3.68
HE3 MSE A 84 -9.48 -11.83 4.65
N SER A 85 -8.83 -9.88 -0.51
CA SER A 85 -7.64 -9.31 -1.10
C SER A 85 -6.98 -8.33 -0.14
N ILE A 86 -5.74 -7.96 -0.48
CA ILE A 86 -4.99 -6.98 0.27
C ILE A 86 -5.09 -5.71 -0.56
N ALA A 87 -6.14 -4.94 -0.29
CA ALA A 87 -6.54 -3.84 -1.14
C ALA A 87 -5.86 -2.56 -0.67
N SER A 88 -6.06 -1.47 -1.42
CA SER A 88 -5.44 -0.19 -1.09
C SER A 88 -6.44 0.92 -1.29
N ALA A 89 -6.18 2.08 -0.69
CA ALA A 89 -6.99 3.25 -0.92
C ALA A 89 -6.95 3.66 -2.40
N GLN A 90 -5.79 3.50 -3.04
CA GLN A 90 -5.65 3.80 -4.45
C GLN A 90 -6.55 2.90 -5.32
N GLU A 91 -6.58 1.61 -5.02
CA GLU A 91 -7.46 0.70 -5.77
C GLU A 91 -8.91 1.14 -5.60
N LEU A 92 -9.28 1.46 -4.37
CA LEU A 92 -10.65 1.89 -4.08
C LEU A 92 -10.97 3.22 -4.74
N ALA A 93 -9.98 4.10 -4.84
CA ALA A 93 -10.20 5.40 -5.47
C ALA A 93 -10.54 5.29 -6.96
N GLN A 94 -10.22 4.16 -7.57
CA GLN A 94 -10.61 3.91 -8.97
C GLN A 94 -12.14 3.93 -9.11
N PHE A 95 -12.82 3.53 -8.04
CA PHE A 95 -14.29 3.41 -8.02
C PHE A 95 -14.91 4.60 -7.31
N PHE A 96 -14.29 4.99 -6.21
CA PHE A 96 -14.81 6.01 -5.31
C PHE A 96 -13.70 7.04 -5.05
N PRO A 97 -13.68 8.12 -5.84
CA PRO A 97 -12.53 9.03 -5.85
C PRO A 97 -12.20 9.62 -4.49
N GLU A 98 -13.19 9.75 -3.62
CA GLU A 98 -12.96 10.27 -2.28
C GLU A 98 -11.94 9.46 -1.45
N PHE A 99 -11.74 8.19 -1.79
CA PHE A 99 -10.76 7.38 -1.07
C PHE A 99 -9.34 7.88 -1.30
N SER A 100 -9.18 8.75 -2.29
CA SER A 100 -7.86 9.30 -2.53
C SER A 100 -7.31 10.04 -1.31
N ILE A 101 -8.19 10.46 -0.41
CA ILE A 101 -7.70 11.16 0.79
C ILE A 101 -6.72 10.30 1.62
N PHE A 102 -6.94 8.99 1.64
CA PHE A 102 -6.07 8.11 2.41
C PHE A 102 -4.82 7.70 1.65
N ALA A 103 -4.68 8.17 0.42
CA ALA A 103 -3.55 7.86 -0.45
C ALA A 103 -2.76 9.10 -0.80
N THR A 104 -2.90 10.14 0.01
CA THR A 104 -2.29 11.42 -0.31
C THR A 104 -0.93 11.55 0.34
N GLY A 105 0.04 12.00 -0.45
CA GLY A 105 1.39 12.18 0.07
C GLY A 105 1.45 12.98 1.37
N TYR A 106 2.23 12.44 2.30
CA TYR A 106 2.57 13.10 3.56
C TYR A 106 1.41 13.29 4.56
N VAL A 107 0.28 12.61 4.36
CA VAL A 107 -0.86 12.80 5.27
C VAL A 107 -0.78 11.83 6.45
N HIS A 108 -0.82 10.53 6.21
CA HIS A 108 -0.61 9.61 7.32
C HIS A 108 0.79 9.74 7.89
N GLN A 109 0.91 9.65 9.22
CA GLN A 109 2.14 9.98 9.89
C GLN A 109 2.90 8.73 10.34
N SER A 110 2.17 7.65 10.58
CA SER A 110 2.72 6.47 11.21
C SER A 110 1.72 5.33 11.10
N ALA A 111 2.19 4.13 11.43
CA ALA A 111 1.31 2.96 11.53
C ALA A 111 0.17 3.18 12.52
N GLU A 112 0.49 3.73 13.69
CA GLU A 112 -0.51 3.99 14.71
C GLU A 112 -1.58 5.00 14.23
N HIS A 113 -1.15 6.01 13.51
CA HIS A 113 -2.06 7.00 12.94
C HIS A 113 -3.05 6.34 11.97
N GLN A 114 -2.56 5.42 11.14
CA GLN A 114 -3.44 4.72 10.19
C GLN A 114 -4.58 4.00 10.94
N VAL A 115 -4.22 3.37 12.06
CA VAL A 115 -5.22 2.64 12.86
C VAL A 115 -6.22 3.60 13.47
N ALA A 116 -5.75 4.70 14.02
CA ALA A 116 -6.63 5.72 14.59
C ALA A 116 -7.64 6.22 13.55
N VAL A 117 -7.16 6.51 12.34
CA VAL A 117 -8.01 7.01 11.27
C VAL A 117 -9.07 5.98 10.86
N PHE A 118 -8.65 4.73 10.72
CA PHE A 118 -9.55 3.68 10.24
C PHE A 118 -10.64 3.38 11.26
N ASN A 119 -10.32 3.56 12.54
CA ASN A 119 -11.27 3.27 13.63
C ASN A 119 -12.13 4.47 14.04
N ASP A 120 -11.80 5.64 13.53
CA ASP A 120 -12.55 6.85 13.85
C ASP A 120 -13.86 6.82 13.09
N PRO A 121 -14.90 7.45 13.64
CA PRO A 121 -16.19 7.52 12.93
C PRO A 121 -16.10 8.13 11.53
N LEU A 122 -15.06 8.90 11.24
CA LEU A 122 -14.92 9.48 9.90
C LEU A 122 -14.88 8.41 8.83
N MSE A 123 -14.44 7.21 9.21
CA MSE A 123 -14.27 6.12 8.26
C MSE A 123 -15.60 5.48 7.89
O MSE A 123 -15.70 4.77 6.89
CB MSE A 123 -13.31 5.06 8.83
CG MSE A 123 -12.74 4.15 7.78
SE MSE A 123 -11.55 5.11 6.59
CE MSE A 123 -11.56 3.85 5.12
H MSE A 123 -14.23 7.01 10.02
HA MSE A 123 -13.86 6.47 7.44
HB2 MSE A 123 -12.58 5.51 9.27
HB3 MSE A 123 -13.80 4.51 9.47
HG2 MSE A 123 -12.23 3.45 8.22
HG3 MSE A 123 -13.46 3.77 7.26
HE1 MSE A 123 -11.00 4.19 4.43
HE2 MSE A 123 -11.22 3.01 5.43
HE3 MSE A 123 -12.46 3.74 4.81
N ASP A 124 -16.64 5.74 8.68
CA ASP A 124 -17.90 5.01 8.53
C ASP A 124 -18.53 5.12 7.14
N PRO A 125 -18.65 6.35 6.62
CA PRO A 125 -19.23 6.49 5.28
C PRO A 125 -18.41 5.85 4.18
N PHE A 126 -17.08 5.88 4.31
CA PHE A 126 -16.20 5.25 3.34
C PHE A 126 -16.44 3.73 3.33
N LYS A 127 -16.46 3.14 4.52
CA LYS A 127 -16.71 1.70 4.65
C LYS A 127 -18.08 1.35 4.07
N LYS A 128 -19.09 2.17 4.36
CA LYS A 128 -20.45 1.90 3.90
C LYS A 128 -20.56 1.95 2.38
N THR A 129 -19.88 2.91 1.77
CA THR A 129 -19.87 3.01 0.33
C THR A 129 -19.35 1.75 -0.33
N VAL A 130 -18.27 1.18 0.22
CA VAL A 130 -17.65 0.01 -0.38
C VAL A 130 -18.59 -1.19 -0.23
N GLU A 131 -19.21 -1.31 0.93
CA GLU A 131 -20.18 -2.38 1.16
C GLU A 131 -21.37 -2.30 0.21
N ASP A 132 -21.97 -1.11 0.13
CA ASP A 132 -23.20 -0.89 -0.63
C ASP A 132 -22.99 -0.99 -2.13
N GLU A 133 -21.85 -0.49 -2.60
CA GLU A 133 -21.65 -0.34 -4.05
C GLU A 133 -20.74 -1.42 -4.64
N LEU A 134 -19.86 -2.00 -3.84
CA LEU A 134 -19.02 -3.10 -4.34
C LEU A 134 -19.32 -4.45 -3.70
N GLY A 135 -20.10 -4.47 -2.63
CA GLY A 135 -20.33 -5.74 -1.95
C GLY A 135 -19.06 -6.26 -1.29
N ILE A 136 -18.26 -5.35 -0.78
CA ILE A 136 -17.00 -5.69 -0.12
C ILE A 136 -16.94 -5.01 1.24
N LYS A 137 -16.50 -5.74 2.26
CA LYS A 137 -16.23 -5.18 3.56
C LYS A 137 -14.75 -4.92 3.72
N LEU A 138 -14.39 -3.76 4.30
CA LEU A 138 -13.02 -3.53 4.70
C LEU A 138 -12.92 -3.91 6.17
N LEU A 139 -12.34 -5.06 6.45
CA LEU A 139 -12.32 -5.58 7.82
C LEU A 139 -11.29 -4.87 8.70
N SER A 140 -10.11 -4.58 8.15
CA SER A 140 -9.00 -4.11 8.95
C SER A 140 -8.10 -3.28 8.10
N VAL A 141 -7.27 -2.46 8.76
CA VAL A 141 -6.21 -1.74 8.08
C VAL A 141 -4.87 -2.42 8.39
N MSE A 142 -4.05 -2.60 7.36
CA MSE A 142 -2.71 -3.18 7.51
C MSE A 142 -1.66 -2.15 7.20
O MSE A 142 -1.86 -1.28 6.38
CB MSE A 142 -2.51 -4.33 6.54
CG MSE A 142 -3.42 -5.55 6.80
SE MSE A 142 -2.97 -7.07 5.64
CE MSE A 142 -1.87 -8.02 6.87
H MSE A 142 -4.25 -2.39 6.55
HA MSE A 142 -2.60 -3.52 8.42
HB2 MSE A 142 -2.68 -4.01 5.64
HB3 MSE A 142 -1.59 -4.62 6.60
HG2 MSE A 142 -3.31 -5.84 7.72
HG3 MSE A 142 -4.33 -5.31 6.62
HE1 MSE A 142 -1.55 -8.83 6.47
HE2 MSE A 142 -1.12 -7.46 7.13
HE3 MSE A 142 -2.39 -8.24 7.65
N TYR A 143 -0.53 -2.26 7.87
CA TYR A 143 0.61 -1.38 7.61
C TYR A 143 1.48 -1.94 6.51
N LEU A 144 1.69 -1.14 5.46
CA LEU A 144 2.61 -1.52 4.39
C LEU A 144 3.98 -0.92 4.64
N GLY A 145 4.04 0.37 4.91
CA GLY A 145 5.29 0.98 5.28
C GLY A 145 5.58 2.30 4.61
N GLN A 146 6.71 2.87 4.99
CA GLN A 146 7.15 4.17 4.48
C GLN A 146 7.74 4.00 3.10
N ARG A 147 7.13 4.64 2.12
CA ARG A 147 7.62 4.61 0.75
C ARG A 147 8.71 5.67 0.56
N HIS A 148 9.74 5.32 -0.21
CA HIS A 148 10.91 6.13 -0.44
C HIS A 148 11.36 5.98 -1.88
N VAL A 149 12.07 6.98 -2.41
CA VAL A 149 12.57 6.89 -3.77
C VAL A 149 13.85 6.06 -3.87
N ASN A 150 13.74 4.93 -4.57
CA ASN A 150 14.80 3.94 -4.70
C ASN A 150 15.28 4.00 -6.16
N LEU A 151 16.52 4.41 -6.38
CA LEU A 151 17.03 4.66 -7.74
C LEU A 151 18.18 3.75 -8.14
N ARG A 152 18.32 3.55 -9.44
CA ARG A 152 19.42 2.80 -10.01
C ARG A 152 20.72 3.59 -9.92
N GLN A 153 20.62 4.91 -10.07
N GLN A 153 20.60 4.91 -10.04
CA GLN A 153 21.81 5.76 -10.01
CA GLN A 153 21.75 5.80 -9.98
C GLN A 153 22.38 5.80 -8.61
C GLN A 153 22.38 5.78 -8.60
N THR A 154 23.71 5.88 -8.53
CA THR A 154 24.37 6.06 -7.25
C THR A 154 24.08 7.47 -6.74
N LYS A 155 24.34 7.70 -5.44
CA LYS A 155 24.16 9.02 -4.85
C LYS A 155 25.07 10.03 -5.56
N GLU A 156 26.29 9.64 -5.88
CA GLU A 156 27.21 10.51 -6.60
C GLU A 156 26.65 10.89 -7.98
N GLU A 157 26.05 9.93 -8.67
CA GLU A 157 25.42 10.19 -9.97
C GLU A 157 24.20 11.09 -9.87
N LEU A 158 23.40 10.92 -8.82
CA LEU A 158 22.22 11.75 -8.61
C LEU A 158 21.92 11.83 -7.14
N THR A 159 22.16 13.00 -6.56
CA THR A 159 21.86 13.24 -5.15
C THR A 159 20.52 13.91 -5.02
N VAL A 160 19.63 13.28 -4.26
CA VAL A 160 18.28 13.79 -4.07
C VAL A 160 18.20 14.64 -2.82
N THR A 161 18.06 15.96 -3.00
CA THR A 161 17.90 16.87 -1.88
C THR A 161 16.53 17.57 -1.93
N THR A 162 16.14 18.04 -3.10
CA THR A 162 14.84 18.68 -3.28
C THR A 162 14.13 18.08 -4.48
N PRO A 163 12.83 18.37 -4.63
CA PRO A 163 12.13 17.80 -5.78
C PRO A 163 12.76 18.12 -7.14
N ALA A 164 13.46 19.23 -7.25
CA ALA A 164 14.11 19.58 -8.51
C ALA A 164 15.07 18.48 -8.96
N ASP A 165 15.69 17.82 -7.99
CA ASP A 165 16.66 16.77 -8.29
C ASP A 165 16.05 15.53 -8.98
N LEU A 166 14.73 15.38 -8.90
CA LEU A 166 14.07 14.26 -9.55
C LEU A 166 13.61 14.57 -10.96
N ALA A 167 13.92 15.77 -11.43
CA ALA A 167 13.54 16.15 -12.78
C ALA A 167 14.02 15.14 -13.80
N GLY A 168 13.08 14.64 -14.60
CA GLY A 168 13.41 13.69 -15.65
C GLY A 168 13.66 12.26 -15.23
N VAL A 169 13.59 11.98 -13.93
CA VAL A 169 13.68 10.61 -13.44
C VAL A 169 12.44 9.81 -13.82
N ASN A 170 12.64 8.66 -14.46
CA ASN A 170 11.55 7.79 -14.85
C ASN A 170 11.25 6.90 -13.65
N LEU A 171 10.27 7.33 -12.87
CA LEU A 171 9.95 6.67 -11.61
C LEU A 171 8.73 5.77 -11.79
N ARG A 172 8.93 4.46 -11.70
CA ARG A 172 7.81 3.54 -11.77
C ARG A 172 6.91 3.85 -10.60
N MSE A 173 5.61 3.86 -10.86
CA MSE A 173 4.56 3.89 -9.85
C MSE A 173 3.48 2.90 -10.27
O MSE A 173 3.38 2.57 -11.46
CB MSE A 173 3.99 5.30 -9.69
CG MSE A 173 5.00 6.32 -9.18
SE MSE A 173 5.75 5.97 -7.42
CE MSE A 173 4.38 6.88 -6.37
H MSE A 173 5.29 3.85 -11.66
HA MSE A 173 4.94 3.60 -8.99
HB2 MSE A 173 3.66 5.60 -10.54
HB3 MSE A 173 3.26 5.27 -9.05
HG2 MSE A 173 5.73 6.36 -9.81
HG3 MSE A 173 4.56 7.19 -9.14
HE1 MSE A 173 4.60 6.80 -5.44
HE2 MSE A 173 4.36 7.81 -6.63
HE3 MSE A 173 3.53 6.47 -6.54
N PRO A 174 2.66 2.41 -9.32
CA PRO A 174 1.60 1.49 -9.73
C PRO A 174 0.60 2.15 -10.67
N GLY A 175 -0.20 1.32 -11.33
CA GLY A 175 -1.05 1.78 -12.42
C GLY A 175 -2.43 2.31 -12.05
N THR A 176 -2.48 3.35 -11.23
CA THR A 176 -3.74 4.07 -11.02
C THR A 176 -3.45 5.55 -11.06
N ASP A 177 -4.49 6.35 -11.29
CA ASP A 177 -4.30 7.80 -11.39
C ASP A 177 -3.70 8.42 -10.13
N ALA A 178 -4.19 8.03 -8.96
CA ALA A 178 -3.66 8.61 -7.72
C ALA A 178 -2.23 8.20 -7.46
N TRP A 179 -1.84 7.01 -7.89
CA TRP A 179 -0.45 6.59 -7.77
C TRP A 179 0.46 7.37 -8.70
N GLN A 180 0.05 7.51 -9.96
CA GLN A 180 0.83 8.29 -10.90
C GLN A 180 0.97 9.74 -10.44
N PHE A 181 -0.12 10.30 -9.91
CA PHE A 181 -0.08 11.69 -9.46
C PHE A 181 0.97 11.88 -8.36
N LEU A 182 1.03 10.93 -7.45
CA LEU A 182 2.00 11.02 -6.36
C LEU A 182 3.43 11.04 -6.90
N GLY A 183 3.72 10.18 -7.88
CA GLY A 183 5.04 10.17 -8.48
C GLY A 183 5.35 11.51 -9.16
N LYS A 184 4.37 12.07 -9.85
CA LYS A 184 4.52 13.37 -10.49
C LYS A 184 4.73 14.47 -9.45
N ALA A 185 4.01 14.37 -8.34
CA ALA A 185 4.09 15.37 -7.30
C ALA A 185 5.47 15.40 -6.63
N LEU A 186 6.20 14.28 -6.66
CA LEU A 186 7.57 14.26 -6.13
C LEU A 186 8.56 15.01 -7.00
N GLY A 187 8.20 15.27 -8.27
CA GLY A 187 9.05 15.99 -9.20
C GLY A 187 9.57 15.13 -10.34
N ALA A 188 9.22 13.85 -10.29
CA ALA A 188 9.68 12.87 -11.26
C ALA A 188 8.69 12.73 -12.40
N ASN A 189 9.04 11.88 -13.38
CA ASN A 189 8.15 11.59 -14.49
C ASN A 189 7.70 10.15 -14.31
N PRO A 190 6.51 9.96 -13.72
CA PRO A 190 6.08 8.59 -13.42
C PRO A 190 5.68 7.78 -14.64
N THR A 191 5.85 6.46 -14.53
N THR A 191 5.81 6.46 -14.52
CA THR A 191 5.40 5.50 -15.52
CA THR A 191 5.32 5.57 -15.54
C THR A 191 4.63 4.40 -14.80
C THR A 191 4.65 4.37 -14.86
N PRO A 192 3.51 3.92 -15.39
CA PRO A 192 2.76 2.86 -14.73
C PRO A 192 3.28 1.48 -15.05
N MSE A 193 3.39 0.64 -14.05
CA MSE A 193 3.83 -0.74 -14.26
C MSE A 193 3.35 -1.58 -13.10
O MSE A 193 3.38 -1.15 -11.95
CB MSE A 193 5.35 -0.78 -14.32
CG MSE A 193 5.99 -2.12 -14.50
SE MSE A 193 7.81 -1.94 -14.63
CE MSE A 193 7.85 -0.50 -15.59
H MSE A 193 3.22 0.82 -13.22
HA MSE A 193 3.46 -1.08 -15.11
HB2 MSE A 193 5.63 -0.23 -15.08
HB3 MSE A 193 5.69 -0.39 -13.51
HG2 MSE A 193 5.80 -2.68 -13.73
HG3 MSE A 193 5.67 -2.55 -15.31
HE1 MSE A 193 8.76 -0.26 -15.76
HE2 MSE A 193 7.41 -0.67 -16.43
HE3 MSE A 193 7.41 0.21 -15.11
N ALA A 194 2.90 -2.79 -13.42
CA ALA A 194 2.49 -3.75 -12.38
C ALA A 194 3.66 -4.11 -11.47
N PHE A 195 3.34 -4.37 -10.20
CA PHE A 195 4.35 -4.70 -9.22
C PHE A 195 5.29 -5.82 -9.67
N THR A 196 4.73 -6.89 -10.26
CA THR A 196 5.53 -8.06 -10.59
C THR A 196 6.53 -7.81 -11.72
N GLU A 197 6.42 -6.66 -12.38
CA GLU A 197 7.29 -6.34 -13.50
C GLU A 197 8.46 -5.43 -13.12
N ILE A 198 8.49 -4.98 -11.88
CA ILE A 198 9.46 -3.98 -11.44
C ILE A 198 10.90 -4.50 -11.53
N TYR A 199 11.14 -5.68 -10.99
CA TYR A 199 12.51 -6.18 -10.93
C TYR A 199 13.18 -6.18 -12.30
N THR A 200 12.51 -6.77 -13.28
CA THR A 200 13.08 -6.81 -14.62
C THR A 200 13.23 -5.42 -15.24
N ALA A 201 12.29 -4.53 -14.97
CA ALA A 201 12.37 -3.16 -15.46
C ALA A 201 13.60 -2.46 -14.91
N LEU A 202 13.90 -2.70 -13.63
CA LEU A 202 15.10 -2.12 -13.04
C LEU A 202 16.36 -2.78 -13.59
N GLN A 203 16.34 -4.10 -13.72
CA GLN A 203 17.49 -4.86 -14.22
C GLN A 203 17.90 -4.40 -15.63
N THR A 204 16.91 -4.12 -16.46
CA THR A 204 17.15 -3.75 -17.86
C THR A 204 17.25 -2.23 -18.06
N GLY A 205 17.01 -1.47 -17.01
CA GLY A 205 17.09 -0.03 -17.07
C GLY A 205 15.93 0.64 -17.80
N SER A 206 14.80 -0.04 -17.92
CA SER A 206 13.65 0.56 -18.59
C SER A 206 12.97 1.62 -17.73
N VAL A 207 13.19 1.56 -16.41
CA VAL A 207 12.81 2.65 -15.52
C VAL A 207 14.02 3.00 -14.65
N ASP A 208 14.00 4.16 -14.01
CA ASP A 208 15.12 4.61 -13.20
C ASP A 208 14.96 4.24 -11.73
N GLY A 209 13.74 3.96 -11.29
CA GLY A 209 13.53 3.73 -9.88
C GLY A 209 12.12 3.27 -9.57
N GLN A 210 11.89 3.04 -8.29
CA GLN A 210 10.57 2.64 -7.77
C GLN A 210 10.49 3.10 -6.32
N ASP A 211 9.38 2.88 -5.62
CA ASP A 211 9.22 3.52 -4.31
C ASP A 211 8.66 2.63 -3.19
N ASN A 212 8.69 1.32 -3.35
CA ASN A 212 8.18 0.44 -2.30
C ASN A 212 8.96 0.57 -1.02
N PRO A 213 8.31 0.26 0.09
CA PRO A 213 8.98 0.36 1.39
C PRO A 213 10.14 -0.61 1.52
N LEU A 214 11.04 -0.32 2.45
CA LEU A 214 12.27 -1.12 2.61
C LEU A 214 12.08 -2.64 2.76
N PRO A 215 11.06 -3.10 3.53
CA PRO A 215 10.90 -4.54 3.63
C PRO A 215 10.62 -5.18 2.27
N THR A 216 9.97 -4.45 1.36
CA THR A 216 9.71 -4.94 0.01
C THR A 216 10.95 -4.83 -0.85
N VAL A 217 11.70 -3.75 -0.69
CA VAL A 217 12.96 -3.60 -1.39
C VAL A 217 13.83 -4.84 -1.15
N VAL A 218 13.84 -5.31 0.09
CA VAL A 218 14.61 -6.50 0.41
C VAL A 218 13.93 -7.80 -0.02
N ASP A 219 12.64 -7.95 0.30
CA ASP A 219 11.93 -9.17 -0.02
C ASP A 219 11.96 -9.48 -1.52
N ALA A 220 11.79 -8.44 -2.34
CA ALA A 220 11.77 -8.60 -3.80
C ALA A 220 13.15 -8.43 -4.45
N LYS A 221 14.15 -8.20 -3.60
CA LYS A 221 15.55 -8.09 -4.03
C LYS A 221 15.81 -6.94 -5.00
N PHE A 222 15.06 -5.85 -4.86
CA PHE A 222 15.28 -4.66 -5.68
C PHE A 222 16.67 -4.07 -5.41
N TYR A 223 17.25 -4.36 -4.26
CA TYR A 223 18.60 -3.89 -3.97
C TYR A 223 19.66 -4.49 -4.89
N GLU A 224 19.35 -5.59 -5.58
CA GLU A 224 20.30 -6.21 -6.50
C GLU A 224 20.44 -5.38 -7.79
N VAL A 225 19.47 -4.51 -8.02
CA VAL A 225 19.36 -3.80 -9.28
C VAL A 225 19.16 -2.29 -9.09
N THR A 226 19.45 -1.82 -7.87
CA THR A 226 19.46 -0.38 -7.60
C THR A 226 20.67 -0.03 -6.74
N ASN A 227 20.94 1.26 -6.57
CA ASN A 227 22.10 1.70 -5.77
C ASN A 227 21.84 2.67 -4.61
N GLN A 228 20.66 3.26 -4.56
CA GLN A 228 20.36 4.18 -3.47
C GLN A 228 18.89 4.19 -3.08
N VAL A 229 18.66 4.61 -1.85
CA VAL A 229 17.33 5.00 -1.40
C VAL A 229 17.43 6.39 -0.80
N ALA A 230 16.70 7.32 -1.39
CA ALA A 230 16.51 8.65 -0.85
C ALA A 230 15.27 8.61 0.02
N LEU A 231 15.44 8.90 1.31
CA LEU A 231 14.38 8.68 2.30
C LEU A 231 13.36 9.80 2.30
N THR A 232 12.68 9.93 1.17
CA THR A 232 11.61 10.92 1.04
C THR A 232 10.43 10.69 1.98
N GLY A 233 10.16 9.43 2.33
CA GLY A 233 9.10 9.09 3.27
C GLY A 233 7.78 9.70 2.84
N HIS A 234 7.51 9.65 1.54
CA HIS A 234 6.42 10.45 0.98
C HIS A 234 5.05 9.84 1.15
N LEU A 235 4.99 8.56 1.54
CA LEU A 235 3.70 7.95 1.82
C LEU A 235 3.92 6.88 2.85
N VAL A 236 3.31 7.07 4.01
CA VAL A 236 3.27 6.04 5.05
C VAL A 236 2.05 5.20 4.67
N ASP A 237 2.32 4.10 3.98
CA ASP A 237 1.32 3.44 3.16
C ASP A 237 0.66 2.28 3.90
N LEU A 238 -0.54 1.96 3.45
CA LEU A 238 -1.42 1.01 4.10
C LEU A 238 -2.16 0.17 3.09
N ASN A 239 -2.73 -0.92 3.60
CA ASN A 239 -3.67 -1.74 2.85
C ASN A 239 -4.90 -2.01 3.69
N TYR A 240 -5.95 -2.50 3.06
CA TYR A 240 -7.12 -2.98 3.76
C TYR A 240 -7.28 -4.48 3.52
N ILE A 241 -7.72 -5.20 4.53
CA ILE A 241 -8.18 -6.57 4.31
C ILE A 241 -9.60 -6.50 3.79
N ALA A 242 -9.75 -6.79 2.50
CA ALA A 242 -11.03 -6.72 1.83
C ALA A 242 -11.65 -8.11 1.86
N PHE A 243 -12.96 -8.18 2.11
CA PHE A 243 -13.65 -9.46 2.34
C PHE A 243 -15.05 -9.39 1.73
N SER A 244 -15.42 -10.41 0.95
CA SER A 244 -16.73 -10.44 0.32
C SER A 244 -17.88 -10.20 1.31
N LYS A 245 -18.74 -9.23 1.03
CA LYS A 245 -19.89 -8.97 1.89
C LYS A 245 -20.89 -10.12 1.81
N ALA A 246 -20.98 -10.74 0.62
CA ALA A 246 -21.91 -11.85 0.44
C ALA A 246 -21.52 -13.00 1.37
N VAL A 247 -20.23 -13.31 1.42
CA VAL A 247 -19.75 -14.37 2.29
C VAL A 247 -19.99 -13.99 3.74
N TRP A 248 -19.62 -12.76 4.08
CA TRP A 248 -19.78 -12.24 5.44
C TRP A 248 -21.22 -12.39 5.92
N ASP A 249 -22.15 -11.97 5.08
CA ASP A 249 -23.57 -12.00 5.44
C ASP A 249 -24.11 -13.42 5.64
N GLY A 250 -23.44 -14.42 5.09
CA GLY A 250 -23.87 -15.80 5.25
C GLY A 250 -23.28 -16.46 6.49
N LEU A 251 -22.37 -15.77 7.16
CA LEU A 251 -21.74 -16.28 8.37
C LEU A 251 -22.65 -16.04 9.58
N SER A 252 -22.56 -16.92 10.56
CA SER A 252 -23.29 -16.73 11.82
C SER A 252 -22.66 -15.58 12.62
N PRO A 253 -23.36 -15.07 13.65
CA PRO A 253 -22.71 -14.03 14.44
C PRO A 253 -21.39 -14.49 15.03
N GLU A 254 -21.34 -15.74 15.50
CA GLU A 254 -20.11 -16.26 16.09
C GLU A 254 -19.00 -16.28 15.05
N GLN A 255 -19.32 -16.70 13.84
CA GLN A 255 -18.34 -16.79 12.77
C GLN A 255 -17.87 -15.40 12.33
N GLN A 256 -18.80 -14.44 12.26
CA GLN A 256 -18.41 -13.07 11.93
C GLN A 256 -17.42 -12.53 12.96
N GLU A 257 -17.70 -12.76 14.24
CA GLU A 257 -16.79 -12.29 15.29
C GLU A 257 -15.39 -12.87 15.11
N ILE A 258 -15.32 -14.18 14.81
CA ILE A 258 -14.04 -14.85 14.61
C ILE A 258 -13.30 -14.27 13.39
N VAL A 259 -14.02 -14.09 12.28
CA VAL A 259 -13.38 -13.49 11.09
C VAL A 259 -12.82 -12.10 11.37
N GLN A 260 -13.61 -11.27 12.04
CA GLN A 260 -13.16 -9.90 12.37
C GLN A 260 -11.92 -9.95 13.29
N THR A 261 -11.99 -10.78 14.30
CA THR A 261 -10.89 -10.93 15.25
C THR A 261 -9.63 -11.45 14.55
N ALA A 262 -9.81 -12.46 13.70
CA ALA A 262 -8.68 -13.03 12.95
C ALA A 262 -8.02 -12.02 12.03
N ALA A 263 -8.83 -11.21 11.36
CA ALA A 263 -8.32 -10.18 10.46
C ALA A 263 -7.55 -9.11 11.23
N ASP A 264 -8.14 -8.61 12.32
CA ASP A 264 -7.45 -7.62 13.14
C ASP A 264 -6.18 -8.18 13.78
N ALA A 265 -6.22 -9.44 14.24
CA ALA A 265 -5.03 -10.06 14.84
C ALA A 265 -3.91 -10.20 13.80
N ALA A 266 -4.30 -10.57 12.58
CA ALA A 266 -3.33 -10.66 11.47
C ALA A 266 -2.75 -9.30 11.14
N ALA A 267 -3.59 -8.28 11.03
CA ALA A 267 -3.09 -6.93 10.77
C ALA A 267 -2.11 -6.49 11.86
N GLN A 268 -2.46 -6.76 13.12
CA GLN A 268 -1.63 -6.35 14.23
C GLN A 268 -0.28 -7.07 14.22
N SER A 269 -0.30 -8.37 13.96
CA SER A 269 0.94 -9.15 13.91
C SER A 269 1.84 -8.69 12.76
N GLY A 270 1.24 -8.58 11.58
CA GLY A 270 1.93 -8.11 10.40
C GLY A 270 2.51 -6.72 10.60
N ARG A 271 1.76 -5.86 11.27
CA ARG A 271 2.23 -4.49 11.51
C ARG A 271 3.51 -4.47 12.35
N GLU A 272 3.50 -5.22 13.44
CA GLU A 272 4.64 -5.28 14.34
C GLU A 272 5.85 -5.83 13.62
N LYS A 273 5.65 -6.88 12.82
CA LYS A 273 6.77 -7.51 12.13
C LYS A 273 7.31 -6.64 11.00
N GLN A 274 6.41 -5.92 10.32
CA GLN A 274 6.81 -5.06 9.22
C GLN A 274 7.61 -3.86 9.75
N LEU A 275 7.15 -3.32 10.87
CA LEU A 275 7.88 -2.21 11.49
C LEU A 275 9.27 -2.65 11.91
N ALA A 276 9.38 -3.85 12.47
CA ALA A 276 10.69 -4.35 12.88
C ALA A 276 11.62 -4.48 11.66
N LYS A 277 11.08 -5.01 10.56
CA LYS A 277 11.88 -5.12 9.34
C LYS A 277 12.35 -3.75 8.89
N GLU A 278 11.45 -2.79 8.94
CA GLU A 278 11.75 -1.44 8.50
C GLU A 278 12.94 -0.85 9.28
N GLN A 279 12.98 -1.13 10.57
CA GLN A 279 14.09 -0.68 11.42
C GLN A 279 15.41 -1.39 11.10
N GLU A 280 15.36 -2.71 10.97
CA GLU A 280 16.58 -3.48 10.89
C GLU A 280 17.23 -3.48 9.50
N LEU A 281 16.46 -3.17 8.47
CA LEU A 281 16.95 -3.41 7.11
C LEU A 281 17.81 -2.31 6.52
N VAL A 282 17.82 -1.13 7.13
CA VAL A 282 18.70 -0.07 6.70
C VAL A 282 20.15 -0.57 6.72
N SER A 283 20.56 -1.18 7.82
CA SER A 283 21.93 -1.65 7.93
C SER A 283 22.20 -2.77 6.92
N PHE A 284 21.21 -3.64 6.69
CA PHE A 284 21.38 -4.72 5.73
C PHE A 284 21.63 -4.15 4.34
N LEU A 285 20.79 -3.20 3.95
CA LEU A 285 20.92 -2.54 2.65
C LEU A 285 22.27 -1.84 2.50
N GLU A 286 22.71 -1.14 3.53
CA GLU A 286 23.99 -0.47 3.47
C GLU A 286 25.12 -1.49 3.34
N GLU A 287 24.97 -2.63 4.01
CA GLU A 287 25.94 -3.70 3.88
C GLU A 287 26.01 -4.24 2.45
N GLN A 288 24.91 -4.11 1.70
CA GLN A 288 24.89 -4.53 0.30
C GLN A 288 25.44 -3.43 -0.61
N GLY A 289 25.93 -2.35 -0.01
CA GLY A 289 26.49 -1.25 -0.77
C GLY A 289 25.50 -0.17 -1.18
N MSE A 290 24.24 -0.28 -0.71
CA MSE A 290 23.26 0.77 -0.97
C MSE A 290 23.62 2.04 -0.19
O MSE A 290 24.08 1.96 0.94
CB MSE A 290 21.85 0.33 -0.54
CG MSE A 290 21.21 -0.90 -1.26
SE MSE A 290 20.63 -0.58 -3.09
CE MSE A 290 19.46 0.84 -2.71
H MSE A 290 23.95 -0.94 -0.26
HA MSE A 290 23.24 0.97 -1.93
HB2 MSE A 290 21.88 0.12 0.40
HB3 MSE A 290 21.25 1.08 -0.69
HG2 MSE A 290 21.88 -1.62 -1.29
HG3 MSE A 290 20.44 -1.19 -0.75
HE1 MSE A 290 19.05 1.14 -3.52
HE2 MSE A 290 18.77 0.53 -2.10
HE3 MSE A 290 19.94 1.56 -2.29
N GLU A 291 23.34 3.18 -0.80
N GLU A 291 23.46 3.21 -0.81
CA GLU A 291 23.46 4.48 -0.15
CA GLU A 291 23.52 4.46 -0.06
C GLU A 291 22.08 4.94 0.30
C GLU A 291 22.10 4.85 0.33
N ILE A 292 21.88 5.07 1.62
CA ILE A 292 20.55 5.35 2.17
C ILE A 292 20.62 6.65 2.96
N TYR A 293 19.91 7.68 2.51
CA TYR A 293 20.09 9.02 3.07
C TYR A 293 18.83 9.83 2.90
N ALA A 294 18.63 10.84 3.75
CA ALA A 294 17.45 11.68 3.68
C ALA A 294 17.70 12.92 2.82
N PRO A 295 16.67 13.34 2.07
CA PRO A 295 16.67 14.63 1.40
C PRO A 295 16.18 15.72 2.36
N ASP A 296 15.91 16.90 1.83
CA ASP A 296 15.33 17.97 2.62
C ASP A 296 13.84 17.72 2.70
N LEU A 297 13.40 17.15 3.81
CA LEU A 297 12.00 16.73 3.92
C LEU A 297 11.02 17.91 4.00
N ASP A 298 11.46 19.05 4.54
CA ASP A 298 10.60 20.23 4.54
C ASP A 298 10.32 20.63 3.12
N ALA A 299 11.38 20.65 2.29
CA ALA A 299 11.23 21.03 0.90
C ALA A 299 10.31 20.09 0.13
N PHE A 300 10.49 18.78 0.32
CA PHE A 300 9.62 17.79 -0.29
C PHE A 300 8.16 17.94 0.17
N ARG A 301 7.95 18.05 1.47
CA ARG A 301 6.58 18.15 2.00
C ARG A 301 5.85 19.36 1.47
N THR A 302 6.56 20.50 1.46
CA THR A 302 5.98 21.74 0.99
C THR A 302 5.61 21.66 -0.47
N HIS A 303 6.53 21.12 -1.27
CA HIS A 303 6.27 20.96 -2.69
C HIS A 303 5.09 20.05 -2.97
N VAL A 304 5.05 18.91 -2.28
CA VAL A 304 4.01 17.93 -2.53
C VAL A 304 2.64 18.47 -2.13
N GLN A 305 2.57 19.18 -1.01
CA GLN A 305 1.33 19.80 -0.58
C GLN A 305 0.81 20.74 -1.65
N GLU A 306 1.71 21.57 -2.19
CA GLU A 306 1.26 22.53 -3.19
C GLU A 306 0.87 21.86 -4.49
N GLN A 307 1.44 20.69 -4.78
CA GLN A 307 1.01 19.93 -5.94
C GLN A 307 -0.44 19.48 -5.81
N TYR A 308 -0.88 19.12 -4.60
CA TYR A 308 -2.25 18.67 -4.44
C TYR A 308 -3.26 19.80 -4.50
N VAL A 309 -2.86 21.00 -4.09
CA VAL A 309 -3.75 22.15 -4.23
C VAL A 309 -4.13 22.34 -5.69
N GLY A 310 -5.43 22.40 -5.97
CA GLY A 310 -5.90 22.56 -7.34
C GLY A 310 -6.13 21.26 -8.09
N SER A 311 -5.80 20.13 -7.48
CA SER A 311 -5.87 18.85 -8.16
C SER A 311 -7.27 18.25 -8.07
N GLU A 312 -7.57 17.33 -8.98
CA GLU A 312 -8.82 16.59 -8.92
C GLU A 312 -8.93 15.83 -7.61
N PHE A 313 -7.81 15.37 -7.08
CA PHE A 313 -7.83 14.57 -5.86
C PHE A 313 -8.30 15.41 -4.67
N ALA A 314 -7.74 16.61 -4.55
CA ALA A 314 -8.14 17.52 -3.49
C ALA A 314 -9.63 17.81 -3.56
N ALA A 315 -10.18 17.97 -4.77
CA ALA A 315 -11.59 18.32 -4.91
C ALA A 315 -12.51 17.17 -4.48
N SER A 316 -11.98 15.95 -4.45
CA SER A 316 -12.79 14.77 -4.12
C SER A 316 -12.88 14.52 -2.61
N TRP A 317 -12.10 15.22 -1.81
CA TRP A 317 -12.06 14.92 -0.38
C TRP A 317 -13.28 15.52 0.31
N PRO A 318 -14.04 14.70 1.02
CA PRO A 318 -15.23 15.19 1.70
C PRO A 318 -14.87 16.24 2.75
N GLU A 319 -15.76 17.20 2.94
N GLU A 319 -15.76 17.19 2.95
CA GLU A 319 -15.60 18.32 3.86
CA GLU A 319 -15.54 18.32 3.85
C GLU A 319 -15.15 17.90 5.26
C GLU A 319 -15.12 17.88 5.24
N GLY A 320 -14.08 18.52 5.75
CA GLY A 320 -13.63 18.32 7.12
C GLY A 320 -12.82 17.05 7.41
N VAL A 321 -12.74 16.14 6.46
CA VAL A 321 -12.11 14.86 6.75
C VAL A 321 -10.60 14.99 6.91
N LEU A 322 -9.96 15.79 6.06
CA LEU A 322 -8.51 15.97 6.18
C LEU A 322 -8.12 16.58 7.53
N ASP A 323 -8.88 17.56 7.99
CA ASP A 323 -8.61 18.16 9.28
C ASP A 323 -8.77 17.13 10.39
N LYS A 324 -9.77 16.27 10.27
CA LYS A 324 -9.98 15.22 11.26
C LYS A 324 -8.80 14.25 11.28
N ILE A 325 -8.34 13.85 10.09
CA ILE A 325 -7.19 12.98 10.00
C ILE A 325 -5.98 13.65 10.66
N ASN A 326 -5.75 14.91 10.34
CA ASN A 326 -4.60 15.62 10.90
C ASN A 326 -4.63 15.64 12.41
N ALA A 327 -5.82 15.89 12.98
CA ALA A 327 -5.95 15.98 14.44
C ALA A 327 -5.72 14.64 15.14
N LEU A 328 -5.90 13.52 14.43
CA LEU A 328 -5.66 12.21 15.02
C LEU A 328 -4.17 11.85 15.04
N GLY A 329 -3.35 12.65 14.35
CA GLY A 329 -1.91 12.42 14.31
C GLY A 329 -1.17 13.30 15.30
C1 KDO B . 3.13 -1.49 -5.59
O1A KDO B . 4.20 -0.83 -5.59
O1B KDO B . 2.66 -1.89 -6.70
C2 KDO B . 2.43 -1.81 -4.30
O2 KDO B . 3.23 -1.44 -3.23
C3 KDO B . 1.14 -1.13 -4.20
C4 KDO B . 0.46 -1.52 -2.98
O4 KDO B . -0.82 -0.93 -2.88
C5 KDO B . 0.30 -3.03 -2.99
O5 KDO B . -0.61 -3.38 -3.97
C6 KDO B . 1.63 -3.70 -3.19
O6 KDO B . 2.25 -3.23 -4.35
C7 KDO B . 1.50 -5.19 -3.37
O7 KDO B . 0.83 -5.76 -2.29
C8 KDO B . 2.86 -5.83 -3.54
O8 KDO B . 3.60 -5.79 -2.36
HO2 KDO B . 4.08 -1.46 -3.48
H31 KDO B . 1.28 -0.16 -4.19
H32 KDO B . 0.59 -1.35 -4.98
H4 KDO B . 0.98 -1.26 -2.22
HO4 KDO B . -0.77 -0.24 -2.32
H5 KDO B . -0.06 -3.30 -2.13
HO5 KDO B . -1.40 -3.55 -3.60
H6 KDO B . 2.20 -3.52 -2.43
H7 KDO B . 1.00 -5.36 -4.16
HO7 KDO B . 0.35 -6.45 -2.58
H81 KDO B . 2.74 -6.74 -3.82
H82 KDO B . 3.35 -5.34 -4.23
HO8 KDO B . 4.31 -6.33 -2.45
C1 PGE C . 1.65 17.82 3.28
O1 PGE C . 1.63 18.96 4.07
C2 PGE C . 0.29 17.19 3.28
O2 PGE C . -0.27 17.39 2.04
C3 PGE C . -1.63 17.27 1.92
C4 PGE C . -2.10 18.09 0.76
O4 PGE C . -4.26 21.42 2.10
C6 PGE C . -3.60 21.33 0.89
C5 PGE C . -3.57 19.94 0.35
O3 PGE C . -2.94 19.09 1.23
H1 PGE C . 2.29 17.19 3.63
H12 PGE C . 1.89 18.05 2.38
HO1 PGE C . 2.46 19.21 4.24
H2 PGE C . -0.25 17.61 3.97
H22 PGE C . 0.37 16.23 3.46
H3 PGE C . -2.05 17.61 2.73
H32 PGE C . -1.88 16.33 1.79
H4 PGE C . -2.58 17.52 0.13
H42 PGE C . -1.33 18.48 0.32
HO4 PGE C . -4.38 22.27 2.31
H6 PGE C . -2.69 21.65 1.00
H62 PGE C . -4.06 21.91 0.25
H5 PGE C . -3.07 19.95 -0.49
H52 PGE C . -4.48 19.63 0.18
S SO4 D . -4.89 17.39 -11.74
O1 SO4 D . -3.97 18.44 -11.27
O2 SO4 D . -4.14 16.39 -12.50
O3 SO4 D . -5.54 16.74 -10.62
O4 SO4 D . -5.92 17.97 -12.61
S SO4 E . 11.24 -13.41 8.48
O1 SO4 E . 12.15 -12.90 7.45
O2 SO4 E . 11.40 -12.63 9.70
O3 SO4 E . 11.56 -14.82 8.74
O4 SO4 E . 9.86 -13.33 8.02
#